data_7G9G
#
_entry.id   7G9G
#
_cell.length_a   70.485
_cell.length_b   70.485
_cell.length_c   195.664
_cell.angle_alpha   90.000
_cell.angle_beta   90.000
_cell.angle_gamma   90.000
#
_symmetry.space_group_name_H-M   'P 43 21 2'
#
loop_
_entity.id
_entity.type
_entity.pdbx_description
1 polymer 'Transforming protein RhoA'
2 polymer 'Rho guanine nucleotide exchange factor 2'
3 non-polymer 'DIMETHYL SULFOXIDE'
4 non-polymer 'FORMIC ACID'
5 non-polymer N-(2-methoxyphenyl)acetamide
6 water water
#
loop_
_entity_poly.entity_id
_entity_poly.type
_entity_poly.pdbx_seq_one_letter_code
_entity_poly.pdbx_strand_id
1 'polypeptide(L)'
;SMAAIRKKLVIVGDGACGKTCLLIVFSKDQFPEVYVPTVFENYVADIEVDGKQVELALWDTAGQEDYDRLRPLSYPDTDV
ILMCFSIDSPDSLENIPEKWTPEVKHFCPNVPIILVGNKKDLRNDEHTRRELAKMKQEPVKPEEGRDMANRIGAFGYMEC
SAKTKDGVREVFEMATRAALQARRG
;
A
2 'polypeptide(L)'
;SMEMDEKDFAADSWSLAVDSSFLQQHKKEVMKQQDVIYELIQTELHHVRTLKIMTRLFRTGMLEELHLEPGVVQGLFPCV
DELSDIHTRFLSQLLERRRQALCPGSTRNFVIHRLGDLLISQFSGPSAEQMCKTYSEFCSRHSKALKLYKELYARDKRFQ
QFIRKVTRPAVLKRHGVQECILLVTQRITKYPLLISRILQHSHGIEEERQDLTTALGLVKELLSNVDEGIYQLEKGARLQ
EIYNR
;
B
#
# COMPACT_ATOMS: atom_id res chain seq x y z
N ALA A 4 -2.88 -20.75 -14.93
CA ALA A 4 -2.84 -19.84 -13.77
C ALA A 4 -3.76 -18.64 -13.98
N ILE A 5 -4.87 -18.61 -13.25
CA ILE A 5 -5.83 -17.54 -13.36
C ILE A 5 -5.49 -16.41 -12.36
N ARG A 6 -5.75 -15.16 -12.73
CA ARG A 6 -5.47 -14.04 -11.86
C ARG A 6 -6.73 -13.64 -11.14
N LYS A 7 -6.66 -13.51 -9.80
CA LYS A 7 -7.77 -13.12 -8.95
C LYS A 7 -7.34 -11.99 -8.00
N LYS A 8 -8.27 -11.09 -7.65
CA LYS A 8 -7.92 -9.96 -6.79
C LYS A 8 -8.55 -10.00 -5.41
N LEU A 9 -7.74 -9.85 -4.39
CA LEU A 9 -8.18 -9.82 -3.01
C LEU A 9 -7.92 -8.43 -2.45
N VAL A 10 -8.90 -7.87 -1.74
CA VAL A 10 -8.80 -6.62 -1.00
C VAL A 10 -9.24 -6.88 0.43
N ILE A 11 -8.45 -6.43 1.40
CA ILE A 11 -8.78 -6.56 2.82
CA ILE A 11 -8.77 -6.54 2.83
C ILE A 11 -9.28 -5.20 3.30
N VAL A 12 -10.37 -5.19 4.04
CA VAL A 12 -11.00 -3.96 4.54
CA VAL A 12 -10.99 -3.97 4.53
C VAL A 12 -11.23 -4.08 6.05
N GLY A 13 -11.45 -2.95 6.72
CA GLY A 13 -11.66 -2.94 8.16
C GLY A 13 -11.07 -1.70 8.81
N ASP A 14 -11.40 -1.49 10.10
CA ASP A 14 -10.98 -0.33 10.88
C ASP A 14 -9.45 -0.25 11.02
N GLY A 15 -8.98 0.91 11.48
CA GLY A 15 -7.57 1.24 11.68
C GLY A 15 -6.69 0.16 12.25
N ALA A 16 -6.89 -0.24 13.52
CA ALA A 16 -6.04 -1.29 14.10
C ALA A 16 -6.73 -2.65 14.18
N CYS A 17 -7.22 -3.13 13.03
CA CYS A 17 -7.79 -4.47 12.98
C CYS A 17 -6.72 -5.53 12.63
N GLY A 18 -5.49 -5.10 12.31
CA GLY A 18 -4.39 -5.98 11.99
C GLY A 18 -4.37 -6.44 10.54
N LYS A 19 -5.02 -5.70 9.63
CA LYS A 19 -5.04 -6.10 8.23
CA LYS A 19 -5.04 -6.10 8.23
C LYS A 19 -3.66 -5.99 7.57
N THR A 20 -2.85 -4.99 7.96
CA THR A 20 -1.51 -4.86 7.39
C THR A 20 -0.64 -6.02 7.86
N CYS A 21 -0.66 -6.32 9.17
CA CYS A 21 0.13 -7.43 9.70
C CYS A 21 -0.22 -8.77 9.06
N LEU A 22 -1.52 -8.99 8.78
CA LEU A 22 -1.98 -10.22 8.16
C LEU A 22 -1.42 -10.39 6.75
N LEU A 23 -1.52 -9.34 5.93
CA LEU A 23 -0.98 -9.38 4.58
C LEU A 23 0.52 -9.61 4.56
N ILE A 24 1.25 -9.01 5.53
CA ILE A 24 2.71 -9.10 5.64
C ILE A 24 3.18 -10.50 6.02
N VAL A 25 2.56 -11.08 7.03
CA VAL A 25 2.84 -12.43 7.54
C VAL A 25 2.57 -13.50 6.47
N PHE A 26 1.52 -13.31 5.68
CA PHE A 26 1.21 -14.21 4.60
C PHE A 26 2.23 -14.10 3.46
N SER A 27 2.43 -12.89 2.92
CA SER A 27 3.33 -12.68 1.80
C SER A 27 4.79 -12.94 2.13
N LYS A 28 5.19 -12.69 3.37
CA LYS A 28 6.57 -12.87 3.76
C LYS A 28 6.99 -14.32 3.92
N ASP A 29 8.04 -14.72 3.17
CA ASP A 29 8.68 -16.03 3.26
C ASP A 29 9.51 -15.85 4.52
N GLN A 30 9.08 -16.49 5.64
CA GLN A 30 9.63 -16.38 7.00
C GLN A 30 8.65 -15.51 7.87
N PHE A 31 9.09 -15.06 9.07
CA PHE A 31 8.27 -14.22 9.94
C PHE A 31 9.07 -12.96 10.30
N PRO A 32 8.41 -11.76 10.40
CA PRO A 32 9.18 -10.53 10.74
C PRO A 32 9.75 -10.52 12.16
N GLU A 33 10.90 -11.18 12.34
CA GLU A 33 11.62 -11.32 13.59
C GLU A 33 12.28 -9.99 13.98
N VAL A 34 12.84 -9.27 12.99
CA VAL A 34 13.61 -8.04 13.22
C VAL A 34 12.80 -6.74 13.06
N TYR A 35 12.00 -6.61 12.00
CA TYR A 35 11.22 -5.39 11.77
C TYR A 35 9.91 -5.69 11.08
N VAL A 36 8.82 -5.19 11.66
CA VAL A 36 7.52 -5.32 11.04
C VAL A 36 7.32 -4.03 10.25
N PRO A 37 7.18 -4.13 8.93
CA PRO A 37 6.99 -2.91 8.12
C PRO A 37 5.70 -2.17 8.46
N THR A 38 5.73 -0.84 8.39
CA THR A 38 4.57 0.02 8.66
C THR A 38 3.45 -0.18 7.60
N VAL A 39 3.86 -0.38 6.36
CA VAL A 39 2.94 -0.44 5.24
C VAL A 39 3.17 -1.68 4.37
N PHE A 40 2.17 -2.01 3.54
CA PHE A 40 2.18 -3.10 2.58
C PHE A 40 1.92 -2.43 1.23
N GLU A 41 2.73 -2.74 0.21
CA GLU A 41 2.53 -2.11 -1.11
C GLU A 41 1.49 -2.89 -1.89
N ASN A 42 1.84 -4.12 -2.26
CA ASN A 42 1.02 -5.10 -2.93
C ASN A 42 1.81 -6.43 -3.00
N TYR A 43 1.20 -7.50 -3.50
CA TYR A 43 1.87 -8.80 -3.60
C TYR A 43 1.04 -9.68 -4.51
N VAL A 44 1.69 -10.49 -5.34
CA VAL A 44 0.98 -11.44 -6.18
C VAL A 44 1.43 -12.83 -5.73
N ALA A 45 0.54 -13.54 -5.04
CA ALA A 45 0.88 -14.85 -4.49
C ALA A 45 0.55 -16.01 -5.43
N ASP A 46 1.38 -17.05 -5.41
CA ASP A 46 1.11 -18.26 -6.20
C ASP A 46 0.57 -19.23 -5.23
N ILE A 47 -0.73 -19.47 -5.36
CA ILE A 47 -1.47 -20.35 -4.47
CA ILE A 47 -1.43 -20.36 -4.47
C ILE A 47 -2.04 -21.53 -5.25
N GLU A 48 -1.90 -22.74 -4.71
CA GLU A 48 -2.48 -23.92 -5.32
CA GLU A 48 -2.50 -23.91 -5.32
C GLU A 48 -3.51 -24.43 -4.31
N VAL A 49 -4.80 -24.22 -4.58
CA VAL A 49 -5.85 -24.68 -3.69
C VAL A 49 -6.76 -25.68 -4.43
N ASP A 50 -6.91 -26.88 -3.86
CA ASP A 50 -7.73 -27.97 -4.40
C ASP A 50 -7.36 -28.36 -5.84
N GLY A 51 -6.07 -28.27 -6.18
CA GLY A 51 -5.61 -28.62 -7.51
C GLY A 51 -5.63 -27.50 -8.53
N LYS A 52 -6.14 -26.32 -8.15
CA LYS A 52 -6.19 -25.19 -9.08
C LYS A 52 -5.04 -24.25 -8.78
N GLN A 53 -4.33 -23.85 -9.83
CA GLN A 53 -3.22 -22.93 -9.69
CA GLN A 53 -3.20 -22.94 -9.72
C GLN A 53 -3.70 -21.50 -9.94
N VAL A 54 -3.62 -20.67 -8.91
CA VAL A 54 -4.09 -19.28 -8.99
C VAL A 54 -2.98 -18.26 -8.62
N GLU A 55 -3.06 -17.08 -9.25
CA GLU A 55 -2.21 -15.92 -8.98
C GLU A 55 -3.09 -14.98 -8.19
N LEU A 56 -2.83 -14.83 -6.90
CA LEU A 56 -3.67 -14.00 -6.04
C LEU A 56 -3.06 -12.62 -5.70
N ALA A 57 -3.55 -11.54 -6.32
CA ALA A 57 -3.08 -10.19 -6.03
C ALA A 57 -3.70 -9.72 -4.72
N LEU A 58 -2.88 -9.24 -3.79
CA LEU A 58 -3.28 -8.83 -2.45
C LEU A 58 -3.18 -7.31 -2.28
N TRP A 59 -4.25 -6.68 -1.78
CA TRP A 59 -4.26 -5.25 -1.58
C TRP A 59 -4.78 -4.88 -0.22
N ASP A 60 -4.27 -3.77 0.30
CA ASP A 60 -4.60 -3.24 1.61
C ASP A 60 -5.35 -1.88 1.45
N THR A 61 -6.20 -1.57 2.42
CA THR A 61 -6.90 -0.27 2.46
C THR A 61 -6.40 0.61 3.65
N ALA A 62 -5.31 0.21 4.34
CA ALA A 62 -4.73 0.94 5.47
C ALA A 62 -4.26 2.30 4.99
N GLY A 63 -4.72 3.32 5.70
CA GLY A 63 -4.45 4.69 5.33
C GLY A 63 -5.59 5.36 4.59
N GLN A 64 -6.51 4.55 4.00
CA GLN A 64 -7.64 5.04 3.24
C GLN A 64 -8.92 5.24 4.04
N GLU A 65 -8.98 4.73 5.29
CA GLU A 65 -10.14 4.80 6.18
C GLU A 65 -10.81 6.18 6.29
N ASP A 66 -10.04 7.28 6.33
CA ASP A 66 -10.63 8.62 6.46
C ASP A 66 -10.96 9.28 5.11
N TYR A 67 -10.57 8.67 3.99
CA TYR A 67 -10.74 9.30 2.68
C TYR A 67 -11.75 8.55 1.83
N ASP A 68 -13.00 9.01 1.90
CA ASP A 68 -14.17 8.39 1.30
C ASP A 68 -14.25 8.42 -0.21
N ARG A 69 -13.57 9.35 -0.86
CA ARG A 69 -13.51 9.39 -2.32
C ARG A 69 -12.25 8.69 -2.86
N LEU A 70 -11.20 8.52 -2.03
CA LEU A 70 -9.99 7.84 -2.44
C LEU A 70 -10.09 6.32 -2.30
N ARG A 71 -10.61 5.85 -1.14
CA ARG A 71 -10.74 4.44 -0.77
C ARG A 71 -11.42 3.58 -1.83
N PRO A 72 -12.59 3.98 -2.37
CA PRO A 72 -13.23 3.17 -3.41
C PRO A 72 -12.38 2.87 -4.65
N LEU A 73 -11.30 3.63 -4.90
CA LEU A 73 -10.43 3.32 -6.03
C LEU A 73 -9.69 1.97 -5.85
N SER A 74 -9.72 1.40 -4.63
CA SER A 74 -9.14 0.08 -4.36
C SER A 74 -10.04 -1.05 -4.81
N TYR A 75 -11.34 -0.79 -5.01
CA TYR A 75 -12.34 -1.82 -5.29
C TYR A 75 -12.46 -2.38 -6.71
N PRO A 76 -12.18 -1.66 -7.83
CA PRO A 76 -12.43 -2.26 -9.15
C PRO A 76 -11.88 -3.66 -9.37
N ASP A 77 -12.70 -4.53 -9.94
CA ASP A 77 -12.37 -5.91 -10.31
C ASP A 77 -12.00 -6.85 -9.15
N THR A 78 -12.41 -6.56 -7.91
CA THR A 78 -12.12 -7.45 -6.77
C THR A 78 -12.93 -8.78 -6.90
N ASP A 79 -12.30 -9.92 -6.57
CA ASP A 79 -12.94 -11.23 -6.65
C ASP A 79 -13.29 -11.86 -5.30
N VAL A 80 -12.73 -11.33 -4.20
CA VAL A 80 -12.96 -11.77 -2.83
C VAL A 80 -12.58 -10.62 -1.89
N ILE A 81 -13.39 -10.38 -0.86
CA ILE A 81 -13.14 -9.33 0.14
C ILE A 81 -12.88 -10.00 1.48
N LEU A 82 -11.79 -9.64 2.15
CA LEU A 82 -11.58 -10.08 3.52
C LEU A 82 -12.06 -8.90 4.36
N MET A 83 -13.11 -9.10 5.11
CA MET A 83 -13.67 -8.07 5.98
CA MET A 83 -13.71 -8.10 5.98
C MET A 83 -13.17 -8.38 7.39
N CYS A 84 -12.17 -7.61 7.81
CA CYS A 84 -11.47 -7.81 9.06
CA CYS A 84 -11.47 -7.80 9.07
C CYS A 84 -11.97 -6.97 10.22
N PHE A 85 -11.84 -7.52 11.43
CA PHE A 85 -12.12 -6.92 12.71
C PHE A 85 -11.12 -7.52 13.74
N SER A 86 -10.88 -6.78 14.83
CA SER A 86 -9.98 -7.26 15.87
C SER A 86 -10.75 -7.86 17.03
N ILE A 87 -10.34 -9.06 17.48
CA ILE A 87 -10.97 -9.77 18.60
C ILE A 87 -10.75 -9.03 19.94
N ASP A 88 -9.66 -8.24 20.06
CA ASP A 88 -9.45 -7.43 21.28
C ASP A 88 -10.21 -6.08 21.22
N SER A 89 -11.06 -5.88 20.21
CA SER A 89 -11.81 -4.66 20.03
C SER A 89 -13.25 -4.95 19.59
N PRO A 90 -14.17 -5.15 20.55
CA PRO A 90 -15.58 -5.39 20.19
C PRO A 90 -16.28 -4.21 19.51
N ASP A 91 -15.69 -3.01 19.57
CA ASP A 91 -16.19 -1.81 18.89
C ASP A 91 -15.95 -1.93 17.38
N SER A 92 -14.84 -2.58 16.95
CA SER A 92 -14.59 -2.77 15.52
C SER A 92 -15.57 -3.80 14.89
N LEU A 93 -16.25 -4.62 15.70
CA LEU A 93 -17.24 -5.58 15.21
C LEU A 93 -18.58 -4.87 14.96
N GLU A 94 -18.92 -3.88 15.82
CA GLU A 94 -20.13 -3.06 15.71
C GLU A 94 -20.11 -2.23 14.40
N ASN A 95 -18.91 -1.81 13.94
CA ASN A 95 -18.75 -1.04 12.72
C ASN A 95 -18.79 -1.87 11.42
N ILE A 96 -18.65 -3.20 11.54
CA ILE A 96 -18.73 -4.10 10.40
C ILE A 96 -20.07 -3.96 9.66
N PRO A 97 -21.27 -4.09 10.30
CA PRO A 97 -22.53 -3.95 9.53
C PRO A 97 -22.96 -2.51 9.28
N GLU A 98 -22.54 -1.60 10.16
CA GLU A 98 -22.94 -0.21 10.07
C GLU A 98 -22.18 0.53 9.01
N LYS A 99 -20.86 0.30 8.93
CA LYS A 99 -20.04 1.04 7.98
C LYS A 99 -19.44 0.25 6.82
N TRP A 100 -18.84 -0.93 7.07
CA TRP A 100 -18.10 -1.62 6.02
C TRP A 100 -18.94 -2.43 5.07
N THR A 101 -20.00 -3.10 5.55
CA THR A 101 -20.84 -3.93 4.70
C THR A 101 -21.65 -3.10 3.67
N PRO A 102 -22.33 -1.97 4.03
CA PRO A 102 -23.03 -1.19 2.99
C PRO A 102 -22.08 -0.72 1.89
N GLU A 103 -20.85 -0.32 2.27
CA GLU A 103 -19.88 0.13 1.32
C GLU A 103 -19.44 -1.01 0.40
N VAL A 104 -19.00 -2.14 0.98
CA VAL A 104 -18.52 -3.28 0.21
C VAL A 104 -19.60 -3.82 -0.73
N LYS A 105 -20.89 -3.82 -0.33
CA LYS A 105 -21.95 -4.34 -1.19
C LYS A 105 -22.36 -3.37 -2.30
N HIS A 106 -22.20 -2.06 -2.05
CA HIS A 106 -22.53 -1.04 -3.03
C HIS A 106 -21.47 -1.06 -4.15
N PHE A 107 -20.17 -0.98 -3.78
CA PHE A 107 -19.09 -0.97 -4.75
C PHE A 107 -18.77 -2.34 -5.31
N CYS A 108 -18.91 -3.39 -4.50
CA CYS A 108 -18.62 -4.75 -4.94
C CYS A 108 -19.85 -5.67 -4.82
N PRO A 109 -20.90 -5.46 -5.63
CA PRO A 109 -22.08 -6.34 -5.52
C PRO A 109 -21.75 -7.73 -6.05
N ASN A 110 -22.20 -8.76 -5.34
CA ASN A 110 -21.97 -10.16 -5.70
C ASN A 110 -20.51 -10.66 -5.51
N VAL A 111 -19.66 -9.87 -4.85
CA VAL A 111 -18.31 -10.31 -4.54
C VAL A 111 -18.38 -10.99 -3.16
N PRO A 112 -17.88 -12.23 -3.06
CA PRO A 112 -17.91 -12.93 -1.75
C PRO A 112 -17.06 -12.26 -0.68
N ILE A 113 -17.61 -12.17 0.53
CA ILE A 113 -16.93 -11.56 1.67
C ILE A 113 -16.65 -12.64 2.69
N ILE A 114 -15.44 -12.70 3.22
CA ILE A 114 -15.13 -13.60 4.31
C ILE A 114 -14.91 -12.70 5.53
N LEU A 115 -15.68 -12.92 6.59
CA LEU A 115 -15.50 -12.13 7.81
C LEU A 115 -14.37 -12.76 8.60
N VAL A 116 -13.27 -12.00 8.82
CA VAL A 116 -12.11 -12.54 9.52
C VAL A 116 -11.87 -11.85 10.88
N GLY A 117 -11.90 -12.64 11.94
CA GLY A 117 -11.57 -12.17 13.28
C GLY A 117 -10.07 -12.35 13.50
N ASN A 118 -9.34 -11.24 13.50
CA ASN A 118 -7.88 -11.21 13.68
CA ASN A 118 -7.89 -11.29 13.69
C ASN A 118 -7.49 -11.15 15.16
N LYS A 119 -6.21 -11.43 15.48
CA LYS A 119 -5.66 -11.33 16.83
C LYS A 119 -6.33 -12.27 17.84
N LYS A 120 -6.68 -13.50 17.43
CA LYS A 120 -7.38 -14.46 18.29
C LYS A 120 -6.57 -14.88 19.54
N ASP A 121 -5.25 -14.65 19.52
CA ASP A 121 -4.34 -14.91 20.63
C ASP A 121 -4.66 -14.01 21.83
N LEU A 122 -5.10 -12.78 21.59
CA LEU A 122 -5.46 -11.84 22.65
C LEU A 122 -6.73 -12.21 23.43
N ARG A 123 -7.41 -13.30 23.04
CA ARG A 123 -8.63 -13.79 23.69
C ARG A 123 -8.33 -14.31 25.11
N ASN A 124 -7.11 -14.79 25.36
CA ASN A 124 -6.71 -15.28 26.67
C ASN A 124 -5.48 -14.53 27.22
N ASP A 125 -5.22 -13.29 26.72
CA ASP A 125 -4.16 -12.38 27.13
C ASP A 125 -4.69 -11.60 28.33
N GLU A 126 -3.89 -11.49 29.41
CA GLU A 126 -4.30 -10.83 30.64
C GLU A 126 -4.44 -9.33 30.56
N HIS A 127 -3.52 -8.63 29.90
CA HIS A 127 -3.60 -7.17 29.78
C HIS A 127 -4.79 -6.71 28.93
N THR A 128 -5.17 -7.53 27.94
CA THR A 128 -6.28 -7.23 27.06
C THR A 128 -7.61 -7.38 27.79
N ARG A 129 -7.73 -8.43 28.61
CA ARG A 129 -8.94 -8.64 29.40
C ARG A 129 -9.09 -7.59 30.50
N ARG A 130 -7.98 -7.11 31.07
CA ARG A 130 -8.05 -6.07 32.10
C ARG A 130 -8.47 -4.74 31.47
N GLU A 131 -7.87 -4.36 30.34
CA GLU A 131 -8.20 -3.09 29.68
C GLU A 131 -9.64 -3.08 29.20
N LEU A 132 -10.12 -4.21 28.69
CA LEU A 132 -11.50 -4.30 28.23
C LEU A 132 -12.48 -4.25 29.38
N ALA A 133 -12.11 -4.76 30.58
CA ALA A 133 -13.01 -4.71 31.73
C ALA A 133 -13.23 -3.29 32.27
N LYS A 134 -12.27 -2.37 32.07
CA LYS A 134 -12.45 -0.97 32.46
C LYS A 134 -13.56 -0.34 31.59
N MET A 135 -13.59 -0.72 30.29
CA MET A 135 -14.59 -0.31 29.30
C MET A 135 -15.92 -1.10 29.42
N LYS A 136 -16.07 -1.97 30.45
CA LYS A 136 -17.24 -2.83 30.68
C LYS A 136 -17.44 -3.77 29.48
N GLN A 137 -16.34 -4.37 28.99
CA GLN A 137 -16.33 -5.22 27.80
C GLN A 137 -15.44 -6.47 27.94
N GLU A 138 -15.49 -7.36 26.95
CA GLU A 138 -14.66 -8.57 26.90
C GLU A 138 -14.28 -8.92 25.44
N PRO A 139 -13.22 -9.72 25.20
CA PRO A 139 -12.89 -10.11 23.81
C PRO A 139 -14.05 -10.78 23.07
N VAL A 140 -14.14 -10.51 21.76
CA VAL A 140 -15.18 -11.05 20.87
C VAL A 140 -15.22 -12.55 20.95
N LYS A 141 -16.36 -13.13 21.30
CA LYS A 141 -16.49 -14.58 21.40
C LYS A 141 -16.70 -15.19 20.04
N PRO A 142 -16.24 -16.43 19.83
CA PRO A 142 -16.42 -17.06 18.51
C PRO A 142 -17.84 -17.01 17.93
N GLU A 143 -18.85 -17.23 18.79
CA GLU A 143 -20.26 -17.20 18.40
C GLU A 143 -20.74 -15.78 18.04
N GLU A 144 -20.10 -14.74 18.60
CA GLU A 144 -20.43 -13.35 18.27
C GLU A 144 -19.96 -13.04 16.84
N GLY A 145 -18.80 -13.57 16.46
CA GLY A 145 -18.26 -13.40 15.12
C GLY A 145 -19.10 -14.16 14.11
N ARG A 146 -19.46 -15.43 14.43
CA ARG A 146 -20.33 -16.20 13.55
C ARG A 146 -21.69 -15.55 13.41
N ASP A 147 -22.25 -15.01 14.50
CA ASP A 147 -23.53 -14.31 14.41
C ASP A 147 -23.46 -13.09 13.51
N MET A 148 -22.34 -12.37 13.51
CA MET A 148 -22.16 -11.22 12.62
C MET A 148 -22.00 -11.64 11.16
N ALA A 149 -21.21 -12.68 10.89
CA ALA A 149 -21.03 -13.19 9.53
C ALA A 149 -22.38 -13.63 8.93
N ASN A 150 -23.21 -14.28 9.76
CA ASN A 150 -24.55 -14.71 9.40
C ASN A 150 -25.46 -13.52 9.10
N ARG A 151 -25.52 -12.55 9.99
CA ARG A 151 -26.34 -11.37 9.81
C ARG A 151 -25.93 -10.53 8.56
N ILE A 152 -24.62 -10.49 8.21
CA ILE A 152 -24.20 -9.67 7.05
C ILE A 152 -24.20 -10.45 5.71
N GLY A 153 -24.51 -11.74 5.74
CA GLY A 153 -24.53 -12.56 4.54
C GLY A 153 -23.14 -12.86 4.03
N ALA A 154 -22.17 -13.06 4.93
CA ALA A 154 -20.81 -13.41 4.54
C ALA A 154 -20.74 -14.84 4.00
N PHE A 155 -19.81 -15.08 3.06
CA PHE A 155 -19.50 -16.40 2.51
C PHE A 155 -19.12 -17.37 3.67
N GLY A 156 -18.40 -16.85 4.65
CA GLY A 156 -17.99 -17.58 5.83
C GLY A 156 -17.29 -16.71 6.87
N TYR A 157 -16.96 -17.32 8.01
CA TYR A 157 -16.31 -16.72 9.16
C TYR A 157 -15.05 -17.50 9.47
N MET A 158 -13.93 -16.79 9.70
CA MET A 158 -12.64 -17.42 10.03
C MET A 158 -11.89 -16.61 11.08
N GLU A 159 -11.03 -17.28 11.83
CA GLU A 159 -10.19 -16.61 12.83
C GLU A 159 -8.71 -16.94 12.58
N CYS A 160 -7.87 -15.96 12.89
CA CYS A 160 -6.45 -16.13 12.73
C CYS A 160 -5.68 -15.25 13.68
N SER A 161 -4.40 -15.55 13.80
CA SER A 161 -3.48 -14.78 14.60
C SER A 161 -2.26 -14.47 13.73
N ALA A 162 -2.05 -13.22 13.31
CA ALA A 162 -0.84 -12.86 12.52
C ALA A 162 0.42 -12.97 13.40
N LYS A 163 0.29 -12.81 14.73
CA LYS A 163 1.42 -12.92 15.65
C LYS A 163 1.94 -14.37 15.70
N THR A 164 1.04 -15.34 15.86
CA THR A 164 1.45 -16.74 15.95
C THR A 164 1.40 -17.50 14.61
N LYS A 165 0.84 -16.88 13.55
CA LYS A 165 0.63 -17.48 12.22
C LYS A 165 -0.52 -18.53 12.20
N ASP A 166 -1.19 -18.77 13.33
CA ASP A 166 -2.26 -19.76 13.36
C ASP A 166 -3.50 -19.28 12.60
N GLY A 167 -3.86 -20.02 11.56
CA GLY A 167 -5.03 -19.73 10.76
C GLY A 167 -4.83 -18.86 9.54
N VAL A 168 -3.65 -18.29 9.39
CA VAL A 168 -3.34 -17.39 8.28
C VAL A 168 -3.38 -18.10 6.91
N ARG A 169 -2.70 -19.24 6.75
CA ARG A 169 -2.68 -19.95 5.47
C ARG A 169 -4.08 -20.41 5.04
N GLU A 170 -4.91 -20.84 5.99
CA GLU A 170 -6.28 -21.30 5.73
C GLU A 170 -7.19 -20.17 5.27
N VAL A 171 -7.04 -18.97 5.84
CA VAL A 171 -7.81 -17.78 5.43
C VAL A 171 -7.57 -17.47 3.92
N PHE A 172 -6.30 -17.43 3.50
CA PHE A 172 -5.93 -17.09 2.13
C PHE A 172 -6.27 -18.18 1.10
N GLU A 173 -6.22 -19.46 1.47
CA GLU A 173 -6.63 -20.53 0.58
C GLU A 173 -8.16 -20.47 0.43
N MET A 174 -8.90 -20.22 1.55
CA MET A 174 -10.35 -20.11 1.46
C MET A 174 -10.77 -18.92 0.60
N ALA A 175 -10.04 -17.80 0.72
CA ALA A 175 -10.30 -16.60 -0.07
C ALA A 175 -10.13 -16.91 -1.57
N THR A 176 -9.16 -17.79 -1.92
CA THR A 176 -8.88 -18.20 -3.30
C THR A 176 -10.03 -19.05 -3.83
N ARG A 177 -10.55 -19.97 -2.99
CA ARG A 177 -11.70 -20.79 -3.32
C ARG A 177 -12.93 -19.89 -3.55
N ALA A 178 -13.16 -18.92 -2.65
CA ALA A 178 -14.30 -18.03 -2.80
C ALA A 178 -14.20 -17.20 -4.10
N ALA A 179 -12.98 -16.73 -4.45
CA ALA A 179 -12.74 -15.98 -5.67
C ALA A 179 -13.00 -16.83 -6.94
N LEU A 180 -12.73 -18.13 -6.89
CA LEU A 180 -12.88 -18.99 -8.07
C LEU A 180 -14.34 -19.30 -8.37
N GLN A 181 -15.18 -19.41 -7.33
CA GLN A 181 -16.59 -19.71 -7.54
C GLN A 181 -17.32 -18.58 -8.28
N ALA A 182 -18.16 -18.99 -9.27
CA ALA A 182 -18.93 -18.10 -10.11
C ALA A 182 -20.40 -18.52 -10.10
N SER B 1 15.58 1.96 -12.09
CA SER B 1 16.32 1.94 -10.83
CA SER B 1 16.33 1.91 -10.83
C SER B 1 17.81 1.62 -11.07
N MET B 2 18.68 2.15 -10.19
CA MET B 2 20.12 1.95 -10.31
C MET B 2 20.67 1.06 -9.22
N GLU B 3 21.51 0.08 -9.62
CA GLU B 3 22.17 -0.92 -8.79
C GLU B 3 22.65 -0.41 -7.43
N MET B 4 23.25 0.78 -7.41
CA MET B 4 23.77 1.43 -6.22
CA MET B 4 23.76 1.42 -6.20
C MET B 4 22.67 1.59 -5.17
N ASP B 5 21.52 2.20 -5.53
CA ASP B 5 20.39 2.42 -4.64
C ASP B 5 19.66 1.13 -4.33
N GLU B 6 19.56 0.21 -5.30
CA GLU B 6 18.94 -1.08 -5.11
C GLU B 6 19.67 -1.84 -4.00
N LYS B 7 21.01 -1.81 -3.97
CA LYS B 7 21.78 -2.50 -2.93
C LYS B 7 21.68 -1.79 -1.59
N ASP B 8 21.72 -0.45 -1.60
CA ASP B 8 21.62 0.36 -0.39
C ASP B 8 20.26 0.12 0.30
N PHE B 9 19.21 -0.24 -0.46
CA PHE B 9 17.88 -0.50 0.10
C PHE B 9 17.43 -1.96 -0.07
N ALA B 10 18.38 -2.90 -0.26
CA ALA B 10 18.09 -4.32 -0.43
C ALA B 10 17.69 -5.01 0.87
N ALA B 11 18.27 -4.59 2.00
CA ALA B 11 17.97 -5.19 3.31
C ALA B 11 16.54 -5.00 3.77
N ASP B 12 16.05 -5.89 4.65
CA ASP B 12 14.69 -5.79 5.16
C ASP B 12 14.48 -4.65 6.14
N SER B 13 15.57 -4.06 6.69
CA SER B 13 15.48 -2.97 7.65
C SER B 13 16.80 -2.17 7.73
N TRP B 14 16.82 -1.06 8.50
CA TRP B 14 18.04 -0.31 8.73
C TRP B 14 18.98 -1.19 9.58
N SER B 15 18.45 -1.92 10.59
CA SER B 15 19.30 -2.77 11.44
CA SER B 15 19.23 -2.82 11.47
C SER B 15 20.05 -3.84 10.66
N LEU B 16 19.51 -4.31 9.53
CA LEU B 16 20.21 -5.30 8.71
C LEU B 16 21.07 -4.65 7.60
N ALA B 17 20.84 -3.38 7.28
CA ALA B 17 21.57 -2.68 6.23
C ALA B 17 22.94 -2.23 6.69
N VAL B 18 23.03 -1.69 7.91
CA VAL B 18 24.29 -1.24 8.47
C VAL B 18 25.10 -2.44 8.98
N ASP B 19 26.43 -2.26 9.19
CA ASP B 19 27.29 -3.31 9.75
C ASP B 19 26.82 -3.61 11.18
N SER B 20 26.89 -4.88 11.62
CA SER B 20 26.45 -5.23 12.97
C SER B 20 27.22 -4.51 14.08
N SER B 21 28.51 -4.22 13.85
CA SER B 21 29.35 -3.48 14.80
C SER B 21 28.97 -2.00 14.88
N PHE B 22 28.39 -1.44 13.80
CA PHE B 22 27.91 -0.06 13.81
C PHE B 22 26.55 -0.02 14.53
N LEU B 23 25.68 -1.01 14.27
CA LEU B 23 24.35 -1.13 14.87
C LEU B 23 24.46 -1.20 16.39
N GLN B 24 25.41 -2.00 16.90
CA GLN B 24 25.59 -2.21 18.33
C GLN B 24 25.97 -0.97 19.12
N GLN B 25 26.52 0.06 18.47
CA GLN B 25 26.88 1.31 19.12
C GLN B 25 25.72 2.31 19.28
N HIS B 26 24.47 1.93 18.94
CA HIS B 26 23.35 2.87 19.02
C HIS B 26 22.27 2.47 20.02
N LYS B 27 21.61 3.47 20.64
CA LYS B 27 20.51 3.22 21.57
C LYS B 27 19.34 2.61 20.79
N LYS B 28 18.61 1.67 21.40
CA LYS B 28 17.51 0.98 20.76
C LYS B 28 16.46 1.91 20.13
N GLU B 29 16.19 3.06 20.77
CA GLU B 29 15.21 4.02 20.23
C GLU B 29 15.67 4.66 18.91
N VAL B 30 17.00 4.82 18.75
CA VAL B 30 17.62 5.33 17.54
C VAL B 30 17.47 4.26 16.45
N MET B 31 17.73 2.98 16.79
CA MET B 31 17.59 1.86 15.85
C MET B 31 16.15 1.76 15.33
N LYS B 32 15.17 1.93 16.23
CA LYS B 32 13.74 1.89 15.93
C LYS B 32 13.31 3.05 15.04
N GLN B 33 13.79 4.26 15.30
CA GLN B 33 13.50 5.47 14.50
C GLN B 33 14.09 5.29 13.08
N GLN B 34 15.35 4.85 13.03
CA GLN B 34 16.08 4.63 11.80
C GLN B 34 15.44 3.58 10.92
N ASP B 35 14.89 2.52 11.53
CA ASP B 35 14.20 1.46 10.82
C ASP B 35 12.99 2.02 10.01
N VAL B 36 12.22 2.95 10.63
CA VAL B 36 11.06 3.56 9.95
C VAL B 36 11.51 4.58 8.89
N ILE B 37 12.56 5.43 9.18
CA ILE B 37 13.08 6.37 8.17
C ILE B 37 13.57 5.60 6.93
N TYR B 38 14.31 4.49 7.15
CA TYR B 38 14.79 3.60 6.09
C TYR B 38 13.59 3.08 5.26
N GLU B 39 12.49 2.66 5.94
CA GLU B 39 11.30 2.17 5.23
C GLU B 39 10.65 3.25 4.37
N LEU B 40 10.60 4.50 4.86
CA LEU B 40 10.10 5.62 4.06
C LEU B 40 10.94 5.80 2.77
N ILE B 41 12.28 5.74 2.88
CA ILE B 41 13.14 5.91 1.71
C ILE B 41 13.04 4.71 0.78
N GLN B 42 13.02 3.51 1.36
CA GLN B 42 12.88 2.28 0.59
C GLN B 42 11.58 2.28 -0.25
N THR B 43 10.43 2.62 0.36
CA THR B 43 9.15 2.62 -0.37
C THR B 43 9.06 3.78 -1.41
N GLU B 44 9.74 4.92 -1.16
CA GLU B 44 9.80 6.04 -2.11
C GLU B 44 10.63 5.62 -3.34
N LEU B 45 11.73 4.92 -3.13
CA LEU B 45 12.55 4.35 -4.21
C LEU B 45 11.66 3.36 -5.05
N HIS B 46 10.88 2.46 -4.40
CA HIS B 46 9.95 1.54 -5.10
C HIS B 46 8.87 2.31 -5.89
N HIS B 47 8.32 3.38 -5.29
CA HIS B 47 7.32 4.24 -5.90
C HIS B 47 7.87 4.87 -7.17
N VAL B 48 9.13 5.39 -7.12
CA VAL B 48 9.73 6.00 -8.30
C VAL B 48 10.02 4.93 -9.37
N ARG B 49 10.47 3.73 -8.96
CA ARG B 49 10.66 2.61 -9.89
C ARG B 49 9.31 2.23 -10.61
N THR B 50 8.16 2.27 -9.88
CA THR B 50 6.82 2.03 -10.42
C THR B 50 6.49 3.07 -11.50
N LEU B 51 6.70 4.37 -11.21
CA LEU B 51 6.45 5.44 -12.18
C LEU B 51 7.33 5.33 -13.43
N LYS B 52 8.59 4.83 -13.29
CA LYS B 52 9.50 4.60 -14.42
C LYS B 52 9.09 3.42 -15.29
N ILE B 53 8.47 2.41 -14.67
CA ILE B 53 7.92 1.28 -15.43
C ILE B 53 6.74 1.81 -16.29
N MET B 54 5.89 2.68 -15.71
CA MET B 54 4.78 3.29 -16.42
C MET B 54 5.23 4.18 -17.59
N THR B 55 6.19 5.10 -17.38
CA THR B 55 6.69 5.99 -18.45
C THR B 55 7.55 5.29 -19.50
N ARG B 56 8.65 4.61 -19.10
CA ARG B 56 9.57 4.03 -20.07
C ARG B 56 9.12 2.74 -20.67
N LEU B 57 8.61 1.83 -19.85
CA LEU B 57 8.23 0.51 -20.32
C LEU B 57 6.87 0.46 -20.99
N PHE B 58 5.81 0.91 -20.31
CA PHE B 58 4.47 0.83 -20.89
C PHE B 58 4.14 1.99 -21.84
N ARG B 59 4.15 3.24 -21.35
CA ARG B 59 3.79 4.43 -22.11
C ARG B 59 4.64 4.59 -23.37
N THR B 60 5.98 4.59 -23.23
CA THR B 60 6.92 4.76 -24.35
C THR B 60 6.96 3.52 -25.25
N GLY B 61 6.81 2.34 -24.67
CA GLY B 61 6.75 1.10 -25.42
C GLY B 61 5.57 1.07 -26.36
N MET B 62 4.40 1.58 -25.90
CA MET B 62 3.18 1.66 -26.70
C MET B 62 3.31 2.67 -27.85
N LEU B 63 4.07 3.76 -27.65
CA LEU B 63 4.25 4.76 -28.70
C LEU B 63 5.15 4.22 -29.79
N GLU B 64 6.24 3.58 -29.41
CA GLU B 64 7.22 3.08 -30.34
C GLU B 64 6.89 1.75 -31.00
N GLU B 65 5.97 0.96 -30.42
N GLU B 65 6.11 0.88 -30.36
CA GLU B 65 5.61 -0.34 -31.00
CA GLU B 65 5.85 -0.45 -30.91
C GLU B 65 4.15 -0.47 -31.46
C GLU B 65 4.44 -0.68 -31.44
N LEU B 66 3.24 0.45 -31.06
N LEU B 66 3.48 0.14 -31.01
CA LEU B 66 1.83 0.33 -31.43
CA LEU B 66 2.09 -0.03 -31.46
C LEU B 66 1.27 1.51 -32.23
C LEU B 66 1.57 1.11 -32.32
N HIS B 67 0.26 1.23 -33.08
N HIS B 67 2.19 2.30 -32.21
CA HIS B 67 -0.43 2.25 -33.87
CA HIS B 67 1.80 3.52 -32.93
C HIS B 67 -1.73 2.61 -33.13
C HIS B 67 0.37 3.91 -32.58
N LEU B 68 -1.63 2.97 -31.84
N LEU B 68 0.03 3.83 -31.29
CA LEU B 68 -2.81 3.33 -31.05
CA LEU B 68 -1.29 4.20 -30.81
C LEU B 68 -3.31 4.71 -31.41
C LEU B 68 -1.41 5.72 -30.74
N GLU B 69 -4.64 4.91 -31.31
N GLU B 69 -2.64 6.25 -30.91
CA GLU B 69 -5.27 6.20 -31.60
CA GLU B 69 -2.94 7.67 -30.84
C GLU B 69 -4.68 7.31 -30.70
C GLU B 69 -2.53 8.20 -29.47
N PRO B 70 -4.56 8.55 -31.21
N PRO B 70 -1.76 9.28 -29.39
CA PRO B 70 -3.96 9.62 -30.39
CA PRO B 70 -1.27 9.75 -28.09
C PRO B 70 -4.82 9.97 -29.18
C PRO B 70 -2.36 10.03 -27.06
N GLY B 71 -4.17 10.16 -28.03
N GLY B 71 -3.57 10.31 -27.51
CA GLY B 71 -4.87 10.47 -26.79
CA GLY B 71 -4.71 10.55 -26.63
C GLY B 71 -5.22 9.25 -25.95
C GLY B 71 -5.16 9.29 -25.90
N VAL B 72 -5.12 8.05 -26.52
N VAL B 72 -5.02 8.13 -26.56
CA VAL B 72 -5.41 6.81 -25.82
CA VAL B 72 -5.34 6.82 -25.98
C VAL B 72 -4.30 6.44 -24.84
C VAL B 72 -4.31 6.47 -24.91
N VAL B 73 -3.03 6.73 -25.19
CA VAL B 73 -1.91 6.47 -24.28
C VAL B 73 -1.97 7.43 -23.06
N GLN B 74 -2.45 8.68 -23.30
CA GLN B 74 -2.65 9.72 -22.29
C GLN B 74 -3.76 9.30 -21.32
N GLY B 75 -4.81 8.67 -21.84
CA GLY B 75 -5.91 8.15 -21.06
C GLY B 75 -5.51 6.94 -20.24
N LEU B 76 -4.52 6.19 -20.69
CA LEU B 76 -4.00 5.01 -20.00
C LEU B 76 -3.04 5.40 -18.89
N PHE B 77 -2.15 6.39 -19.14
CA PHE B 77 -1.16 6.79 -18.15
C PHE B 77 -1.26 8.30 -17.82
N PRO B 78 -2.35 8.74 -17.15
CA PRO B 78 -2.49 10.18 -16.88
C PRO B 78 -1.44 10.74 -15.93
N CYS B 79 -0.96 11.98 -16.18
CA CYS B 79 0.01 12.76 -15.38
C CYS B 79 1.25 11.97 -14.90
N VAL B 80 1.65 10.90 -15.59
CA VAL B 80 2.77 10.07 -15.15
CA VAL B 80 2.76 10.06 -15.14
C VAL B 80 4.12 10.80 -15.22
N ASP B 81 4.30 11.74 -16.20
CA ASP B 81 5.54 12.51 -16.32
C ASP B 81 5.65 13.51 -15.16
N GLU B 82 4.53 14.17 -14.81
CA GLU B 82 4.48 15.13 -13.72
CA GLU B 82 4.53 15.13 -13.71
C GLU B 82 4.79 14.41 -12.40
N LEU B 83 4.15 13.23 -12.20
CA LEU B 83 4.31 12.37 -11.03
C LEU B 83 5.76 11.88 -10.94
N SER B 84 6.32 11.48 -12.07
CA SER B 84 7.70 11.03 -12.16
C SER B 84 8.64 12.18 -11.72
N ASP B 85 8.39 13.42 -12.20
CA ASP B 85 9.21 14.56 -11.80
C ASP B 85 9.13 14.89 -10.31
N ILE B 86 7.91 14.92 -9.74
CA ILE B 86 7.69 15.23 -8.32
C ILE B 86 8.40 14.22 -7.36
N HIS B 87 8.16 12.92 -7.56
CA HIS B 87 8.71 11.91 -6.70
C HIS B 87 10.20 11.68 -6.94
N THR B 88 10.70 11.87 -8.18
CA THR B 88 12.12 11.72 -8.42
C THR B 88 12.89 12.84 -7.70
N ARG B 89 12.35 14.08 -7.69
CA ARG B 89 13.01 15.16 -6.95
C ARG B 89 13.00 14.86 -5.45
N PHE B 90 11.87 14.31 -4.93
CA PHE B 90 11.71 13.97 -3.51
C PHE B 90 12.69 12.84 -3.10
N LEU B 91 12.81 11.82 -3.94
CA LEU B 91 13.70 10.69 -3.71
C LEU B 91 15.15 11.20 -3.69
N SER B 92 15.50 12.08 -4.64
CA SER B 92 16.81 12.70 -4.75
CA SER B 92 16.84 12.64 -4.71
C SER B 92 17.21 13.37 -3.43
N GLN B 93 16.28 14.09 -2.82
CA GLN B 93 16.47 14.78 -1.57
C GLN B 93 16.63 13.84 -0.36
N LEU B 94 15.85 12.75 -0.31
CA LEU B 94 15.96 11.75 0.77
C LEU B 94 17.30 11.01 0.65
N LEU B 95 17.68 10.61 -0.58
CA LEU B 95 18.94 9.91 -0.88
C LEU B 95 20.22 10.71 -0.57
N GLU B 96 20.17 12.06 -0.76
CA GLU B 96 21.28 12.98 -0.48
C GLU B 96 21.41 13.21 1.03
N ARG B 97 20.27 13.26 1.75
CA ARG B 97 20.24 13.38 3.21
C ARG B 97 20.85 12.11 3.86
N ARG B 98 20.64 10.95 3.24
CA ARG B 98 21.22 9.69 3.71
C ARG B 98 22.74 9.70 3.46
N ARG B 99 23.15 10.13 2.25
CA ARG B 99 24.56 10.18 1.88
CA ARG B 99 24.56 10.21 1.85
C ARG B 99 25.33 11.13 2.79
N GLN B 100 24.74 12.28 3.13
CA GLN B 100 25.31 13.28 4.05
C GLN B 100 25.57 12.64 5.42
N ALA B 101 24.67 11.79 5.86
CA ALA B 101 24.71 11.10 7.15
C ALA B 101 25.65 9.90 7.21
N LEU B 102 26.26 9.52 6.08
CA LEU B 102 27.18 8.39 6.03
C LEU B 102 28.44 8.62 6.82
N CYS B 103 28.90 7.57 7.48
CA CYS B 103 30.12 7.55 8.24
C CYS B 103 31.29 7.55 7.25
N PRO B 104 32.32 8.40 7.44
CA PRO B 104 33.47 8.37 6.51
C PRO B 104 34.14 7.00 6.45
N GLY B 105 34.39 6.53 5.24
CA GLY B 105 34.93 5.19 5.03
C GLY B 105 33.85 4.12 4.91
N SER B 106 32.58 4.50 4.91
CA SER B 106 31.47 3.56 4.78
C SER B 106 30.50 4.00 3.71
N THR B 107 29.85 3.05 3.07
CA THR B 107 28.78 3.34 2.11
C THR B 107 27.43 2.77 2.60
N ARG B 108 27.32 2.32 3.87
CA ARG B 108 26.08 1.78 4.41
C ARG B 108 25.70 2.27 5.80
N ASN B 109 26.70 2.61 6.62
CA ASN B 109 26.48 3.09 7.98
C ASN B 109 26.15 4.56 8.05
N PHE B 110 24.91 4.89 8.43
CA PHE B 110 24.45 6.27 8.55
C PHE B 110 23.35 6.33 9.61
N VAL B 111 23.12 7.53 10.17
CA VAL B 111 22.02 7.80 11.10
C VAL B 111 21.48 9.17 10.71
N ILE B 112 20.24 9.23 10.24
CA ILE B 112 19.62 10.48 9.86
C ILE B 112 19.04 11.14 11.10
N HIS B 113 19.58 12.31 11.48
CA HIS B 113 19.09 13.05 12.63
C HIS B 113 18.01 14.09 12.24
N ARG B 114 18.04 14.58 10.99
N ARG B 114 18.04 14.57 11.00
CA ARG B 114 17.05 15.55 10.53
CA ARG B 114 17.05 15.55 10.53
C ARG B 114 16.30 15.05 9.33
C ARG B 114 16.30 15.04 9.32
N LEU B 115 14.98 15.01 9.41
N LEU B 115 14.98 15.01 9.41
CA LEU B 115 14.14 14.55 8.32
CA LEU B 115 14.14 14.55 8.32
C LEU B 115 12.93 15.48 8.14
C LEU B 115 12.93 15.48 8.14
N GLY B 116 12.35 15.91 9.26
CA GLY B 116 11.19 16.80 9.29
C GLY B 116 11.25 18.00 8.38
N ASP B 117 12.41 18.68 8.26
CA ASP B 117 12.60 19.84 7.38
CA ASP B 117 12.50 19.85 7.38
C ASP B 117 12.38 19.49 5.91
N LEU B 118 12.87 18.32 5.50
CA LEU B 118 12.75 17.83 4.14
C LEU B 118 11.24 17.52 3.88
N LEU B 119 10.55 16.92 4.88
CA LEU B 119 9.14 16.58 4.78
C LEU B 119 8.27 17.83 4.77
N ILE B 120 8.62 18.88 5.54
CA ILE B 120 7.90 20.15 5.55
C ILE B 120 8.02 20.84 4.18
N SER B 121 9.23 20.91 3.60
CA SER B 121 9.44 21.54 2.30
CA SER B 121 9.44 21.54 2.30
C SER B 121 8.61 20.85 1.21
N GLN B 122 8.59 19.50 1.21
CA GLN B 122 7.86 18.69 0.22
C GLN B 122 6.33 18.87 0.32
N PHE B 123 5.79 18.83 1.52
CA PHE B 123 4.36 18.89 1.72
C PHE B 123 3.86 20.30 2.07
N SER B 124 4.57 21.36 1.65
CA SER B 124 4.11 22.74 1.88
C SER B 124 4.39 23.64 0.67
N GLY B 125 3.70 24.78 0.60
CA GLY B 125 3.87 25.78 -0.45
C GLY B 125 3.62 25.30 -1.86
N PRO B 126 4.32 25.91 -2.84
CA PRO B 126 4.10 25.52 -4.25
C PRO B 126 4.24 24.02 -4.54
N SER B 127 5.18 23.34 -3.86
CA SER B 127 5.39 21.89 -4.05
C SER B 127 4.19 21.04 -3.64
N ALA B 128 3.53 21.40 -2.53
CA ALA B 128 2.32 20.70 -2.06
C ALA B 128 1.17 20.98 -3.00
N GLU B 129 1.06 22.23 -3.51
CA GLU B 129 0.03 22.63 -4.45
C GLU B 129 0.13 21.78 -5.72
N GLN B 130 1.36 21.60 -6.22
CA GLN B 130 1.57 20.81 -7.43
CA GLN B 130 1.63 20.80 -7.42
C GLN B 130 1.17 19.35 -7.25
N MET B 131 1.47 18.74 -6.08
CA MET B 131 1.06 17.36 -5.77
C MET B 131 -0.45 17.27 -5.62
N CYS B 132 -1.06 18.28 -5.00
CA CYS B 132 -2.49 18.33 -4.77
C CYS B 132 -3.23 18.31 -6.12
N LYS B 133 -2.88 19.24 -6.99
CA LYS B 133 -3.42 19.38 -8.32
C LYS B 133 -3.19 18.08 -9.16
N THR B 134 -1.99 17.49 -9.08
CA THR B 134 -1.59 16.28 -9.81
C THR B 134 -2.29 15.00 -9.33
N TYR B 135 -2.36 14.77 -8.01
CA TYR B 135 -3.04 13.59 -7.47
C TYR B 135 -4.58 13.68 -7.61
N SER B 136 -5.14 14.91 -7.53
CA SER B 136 -6.57 15.09 -7.75
C SER B 136 -6.90 14.74 -9.20
N GLU B 137 -6.05 15.13 -10.14
CA GLU B 137 -6.25 14.81 -11.55
CA GLU B 137 -6.28 14.79 -11.54
C GLU B 137 -6.08 13.28 -11.75
N PHE B 138 -4.92 12.72 -11.34
CA PHE B 138 -4.65 11.30 -11.50
C PHE B 138 -5.77 10.39 -10.95
N CYS B 139 -6.23 10.66 -9.73
CA CYS B 139 -7.26 9.87 -9.08
C CYS B 139 -8.64 10.04 -9.73
N SER B 140 -8.96 11.21 -10.29
CA SER B 140 -10.22 11.40 -11.05
C SER B 140 -10.17 10.72 -12.41
N ARG B 141 -8.98 10.43 -12.93
CA ARG B 141 -8.85 9.74 -14.22
C ARG B 141 -8.47 8.24 -14.06
N HIS B 142 -8.37 7.74 -12.82
CA HIS B 142 -7.98 6.37 -12.47
C HIS B 142 -8.93 5.30 -13.03
N SER B 143 -10.25 5.40 -12.74
CA SER B 143 -11.22 4.41 -13.22
CA SER B 143 -11.22 4.41 -13.22
C SER B 143 -11.27 4.35 -14.74
N LYS B 144 -11.28 5.52 -15.40
CA LYS B 144 -11.29 5.60 -16.86
C LYS B 144 -10.06 4.90 -17.48
N ALA B 145 -8.90 4.98 -16.79
CA ALA B 145 -7.66 4.32 -17.26
C ALA B 145 -7.76 2.81 -17.21
N LEU B 146 -8.33 2.25 -16.13
CA LEU B 146 -8.53 0.81 -16.00
C LEU B 146 -9.52 0.33 -17.05
N LYS B 147 -10.59 1.10 -17.27
CA LYS B 147 -11.61 0.73 -18.26
C LYS B 147 -11.05 0.75 -19.68
N LEU B 148 -10.25 1.78 -19.99
CA LEU B 148 -9.63 1.93 -21.29
C LEU B 148 -8.62 0.80 -21.54
N TYR B 149 -7.85 0.39 -20.51
CA TYR B 149 -6.89 -0.72 -20.58
C TYR B 149 -7.66 -2.00 -20.91
N LYS B 150 -8.77 -2.25 -20.20
CA LYS B 150 -9.58 -3.45 -20.39
C LYS B 150 -10.18 -3.53 -21.77
N GLU B 151 -10.64 -2.40 -22.33
CA GLU B 151 -11.21 -2.36 -23.67
CA GLU B 151 -11.20 -2.40 -23.67
C GLU B 151 -10.14 -2.72 -24.70
N LEU B 152 -8.97 -2.09 -24.62
CA LEU B 152 -7.86 -2.32 -25.51
C LEU B 152 -7.38 -3.78 -25.48
N TYR B 153 -7.36 -4.41 -24.29
CA TYR B 153 -6.94 -5.80 -24.17
C TYR B 153 -8.02 -6.75 -24.76
N ALA B 154 -9.30 -6.39 -24.64
CA ALA B 154 -10.39 -7.22 -25.15
C ALA B 154 -10.65 -7.06 -26.65
N ARG B 155 -10.21 -5.95 -27.26
CA ARG B 155 -10.48 -5.73 -28.67
CA ARG B 155 -10.47 -5.67 -28.67
C ARG B 155 -9.24 -5.81 -29.55
N ASP B 156 -8.09 -5.34 -29.07
CA ASP B 156 -6.85 -5.38 -29.84
C ASP B 156 -5.96 -6.59 -29.53
N LYS B 157 -5.57 -7.32 -30.57
CA LYS B 157 -4.71 -8.48 -30.43
C LYS B 157 -3.25 -8.09 -30.30
N ARG B 158 -2.83 -7.03 -31.00
CA ARG B 158 -1.45 -6.54 -30.92
C ARG B 158 -1.18 -5.90 -29.55
N PHE B 159 -2.18 -5.26 -28.95
CA PHE B 159 -2.06 -4.70 -27.60
C PHE B 159 -1.92 -5.86 -26.60
N GLN B 160 -2.64 -6.98 -26.80
CA GLN B 160 -2.53 -8.17 -25.97
C GLN B 160 -1.09 -8.72 -26.04
N GLN B 161 -0.54 -8.82 -27.25
CA GLN B 161 0.81 -9.31 -27.47
C GLN B 161 1.85 -8.42 -26.80
N PHE B 162 1.66 -7.09 -26.91
CA PHE B 162 2.58 -6.12 -26.31
C PHE B 162 2.60 -6.29 -24.79
N ILE B 163 1.42 -6.39 -24.17
CA ILE B 163 1.32 -6.53 -22.72
C ILE B 163 1.96 -7.84 -22.25
N ARG B 164 1.63 -8.97 -22.91
CA ARG B 164 2.17 -10.29 -22.60
C ARG B 164 3.70 -10.28 -22.62
N LYS B 165 4.25 -9.61 -23.62
CA LYS B 165 5.68 -9.49 -23.84
C LYS B 165 6.37 -8.62 -22.77
N VAL B 166 5.94 -7.37 -22.54
CA VAL B 166 6.60 -6.50 -21.57
C VAL B 166 6.47 -6.98 -20.13
N THR B 167 5.33 -7.60 -19.78
CA THR B 167 5.11 -8.05 -18.40
C THR B 167 5.61 -9.47 -18.10
N ARG B 168 6.31 -10.10 -19.06
CA ARG B 168 6.89 -11.43 -18.91
C ARG B 168 7.95 -11.53 -17.80
N PRO B 169 8.97 -10.62 -17.71
CA PRO B 169 9.93 -10.73 -16.60
C PRO B 169 9.32 -10.91 -15.20
N ALA B 170 9.91 -11.80 -14.39
CA ALA B 170 9.44 -12.08 -13.04
C ALA B 170 9.52 -10.86 -12.14
N VAL B 171 10.46 -9.94 -12.40
CA VAL B 171 10.59 -8.70 -11.64
C VAL B 171 9.36 -7.80 -11.78
N LEU B 172 8.52 -8.05 -12.81
CA LEU B 172 7.31 -7.29 -13.08
C LEU B 172 6.05 -8.06 -12.70
N LYS B 173 6.15 -9.10 -11.83
CA LYS B 173 5.00 -9.92 -11.41
C LYS B 173 3.88 -9.13 -10.76
N ARG B 174 4.20 -8.18 -9.88
CA ARG B 174 3.21 -7.34 -9.25
C ARG B 174 3.17 -5.90 -9.83
N HIS B 175 3.59 -5.74 -11.10
CA HIS B 175 3.67 -4.43 -11.72
C HIS B 175 3.04 -4.35 -13.10
N GLY B 176 1.87 -4.95 -13.29
CA GLY B 176 1.14 -4.78 -14.54
C GLY B 176 0.52 -3.39 -14.62
N VAL B 177 -0.07 -3.05 -15.77
CA VAL B 177 -0.64 -1.71 -15.98
C VAL B 177 -1.60 -1.27 -14.87
N GLN B 178 -2.59 -2.11 -14.53
CA GLN B 178 -3.61 -1.81 -13.51
C GLN B 178 -3.03 -1.80 -12.10
N GLU B 179 -2.04 -2.66 -11.84
CA GLU B 179 -1.36 -2.70 -10.54
C GLU B 179 -0.60 -1.40 -10.33
N CYS B 180 0.06 -0.90 -11.39
CA CYS B 180 0.81 0.36 -11.33
C CYS B 180 -0.08 1.56 -11.01
N ILE B 181 -1.26 1.66 -11.60
CA ILE B 181 -2.21 2.72 -11.32
C ILE B 181 -2.71 2.68 -9.84
N LEU B 182 -3.04 1.46 -9.31
CA LEU B 182 -3.49 1.36 -7.92
C LEU B 182 -2.34 1.65 -6.95
N LEU B 183 -1.13 1.20 -7.29
CA LEU B 183 0.07 1.50 -6.49
C LEU B 183 0.29 3.01 -6.36
N VAL B 184 0.13 3.74 -7.46
CA VAL B 184 0.29 5.17 -7.46
C VAL B 184 -0.82 5.85 -6.64
N THR B 185 -2.10 5.51 -6.86
CA THR B 185 -3.22 6.05 -6.09
C THR B 185 -3.04 5.81 -4.57
N GLN B 186 -2.61 4.59 -4.18
CA GLN B 186 -2.42 4.25 -2.78
C GLN B 186 -1.19 4.86 -2.11
N ARG B 187 -0.22 5.39 -2.90
CA ARG B 187 1.00 5.95 -2.35
C ARG B 187 0.77 7.08 -1.36
N ILE B 188 -0.05 8.07 -1.71
CA ILE B 188 -0.25 9.24 -0.86
C ILE B 188 -0.83 8.92 0.52
N THR B 189 -1.63 7.84 0.62
CA THR B 189 -2.21 7.51 1.92
C THR B 189 -1.21 6.73 2.84
N LYS B 190 0.02 6.40 2.33
CA LYS B 190 1.06 5.73 3.14
C LYS B 190 1.84 6.74 3.99
N TYR B 191 2.03 7.97 3.47
CA TYR B 191 2.83 9.01 4.14
C TYR B 191 2.44 9.30 5.60
N PRO B 192 1.14 9.48 5.95
CA PRO B 192 0.83 9.74 7.37
C PRO B 192 1.18 8.54 8.22
N LEU B 193 0.95 7.30 7.72
CA LEU B 193 1.25 6.08 8.45
CA LEU B 193 1.26 6.09 8.47
C LEU B 193 2.77 6.02 8.76
N LEU B 194 3.61 6.27 7.74
CA LEU B 194 5.08 6.25 7.90
C LEU B 194 5.62 7.39 8.80
N ILE B 195 5.14 8.63 8.58
CA ILE B 195 5.53 9.81 9.36
C ILE B 195 5.09 9.74 10.84
N SER B 196 3.91 9.17 11.14
CA SER B 196 3.45 9.04 12.52
CA SER B 196 3.46 9.05 12.53
CA SER B 196 3.45 9.03 12.53
C SER B 196 4.33 8.06 13.30
N ARG B 197 4.73 6.94 12.67
CA ARG B 197 5.58 5.96 13.34
C ARG B 197 7.01 6.51 13.50
N ILE B 198 7.48 7.37 12.55
CA ILE B 198 8.80 8.03 12.68
C ILE B 198 8.73 9.01 13.87
N LEU B 199 7.66 9.84 13.92
CA LEU B 199 7.41 10.84 14.97
C LEU B 199 7.37 10.21 16.37
N GLN B 200 6.85 8.99 16.46
CA GLN B 200 6.74 8.23 17.71
C GLN B 200 8.12 7.88 18.30
N HIS B 201 9.16 7.76 17.46
CA HIS B 201 10.52 7.48 17.94
C HIS B 201 11.46 8.69 17.72
N SER B 202 10.89 9.91 17.76
CA SER B 202 11.65 11.14 17.55
C SER B 202 11.45 12.16 18.65
N HIS B 203 11.43 11.71 19.92
CA HIS B 203 11.27 12.63 21.05
C HIS B 203 12.61 12.96 21.74
N GLY B 204 13.71 12.86 21.01
CA GLY B 204 15.05 13.17 21.53
C GLY B 204 15.42 14.62 21.29
N ILE B 205 15.11 15.13 20.10
CA ILE B 205 15.36 16.52 19.76
CA ILE B 205 15.35 16.53 19.77
C ILE B 205 13.98 17.15 19.57
N GLU B 206 13.65 18.20 20.35
CA GLU B 206 12.32 18.84 20.30
C GLU B 206 12.05 19.57 18.98
N GLU B 207 13.09 20.14 18.35
CA GLU B 207 12.90 20.77 17.04
C GLU B 207 12.48 19.72 15.99
N GLU B 208 12.89 18.44 16.17
CA GLU B 208 12.51 17.33 15.28
C GLU B 208 11.09 16.85 15.54
N ARG B 209 10.68 16.74 16.82
CA ARG B 209 9.32 16.34 17.15
C ARG B 209 8.32 17.37 16.60
N GLN B 210 8.66 18.66 16.68
CA GLN B 210 7.80 19.72 16.16
C GLN B 210 7.80 19.70 14.63
N ASP B 211 8.96 19.49 13.98
CA ASP B 211 9.05 19.41 12.52
C ASP B 211 8.25 18.24 11.94
N LEU B 212 8.31 17.08 12.60
CA LEU B 212 7.59 15.89 12.16
C LEU B 212 6.08 16.00 12.42
N THR B 213 5.69 16.79 13.43
CA THR B 213 4.28 17.07 13.73
C THR B 213 3.76 18.05 12.67
N THR B 214 4.56 19.08 12.28
CA THR B 214 4.13 20.03 11.26
C THR B 214 3.92 19.30 9.92
N ALA B 215 4.84 18.40 9.58
CA ALA B 215 4.76 17.62 8.35
C ALA B 215 3.59 16.66 8.38
N LEU B 216 3.30 16.00 9.54
CA LEU B 216 2.15 15.07 9.62
C LEU B 216 0.84 15.82 9.37
N GLY B 217 0.70 17.01 9.95
CA GLY B 217 -0.46 17.86 9.74
C GLY B 217 -0.56 18.30 8.29
N LEU B 218 0.58 18.65 7.66
CA LEU B 218 0.68 19.07 6.26
C LEU B 218 0.27 17.96 5.30
N VAL B 219 0.67 16.70 5.53
CA VAL B 219 0.29 15.55 4.68
C VAL B 219 -1.23 15.27 4.80
N LYS B 220 -1.78 15.29 6.04
CA LYS B 220 -3.20 15.06 6.22
C LYS B 220 -4.01 16.18 5.55
N GLU B 221 -3.53 17.45 5.61
CA GLU B 221 -4.19 18.59 4.96
CA GLU B 221 -4.26 18.54 4.96
C GLU B 221 -4.27 18.32 3.45
N LEU B 222 -3.12 17.85 2.88
CA LEU B 222 -2.97 17.54 1.46
C LEU B 222 -3.96 16.44 1.05
N LEU B 223 -3.96 15.31 1.75
CA LEU B 223 -4.87 14.20 1.49
C LEU B 223 -6.33 14.61 1.48
N SER B 224 -6.73 15.53 2.37
CA SER B 224 -8.12 16.00 2.46
CA SER B 224 -8.11 16.01 2.47
C SER B 224 -8.53 16.80 1.23
N ASN B 225 -7.60 17.61 0.68
CA ASN B 225 -7.86 18.41 -0.53
C ASN B 225 -7.84 17.52 -1.77
N VAL B 226 -6.95 16.49 -1.80
CA VAL B 226 -6.90 15.51 -2.87
C VAL B 226 -8.22 14.70 -2.89
N ASP B 227 -8.70 14.32 -1.70
CA ASP B 227 -9.97 13.61 -1.56
C ASP B 227 -11.15 14.51 -2.01
N GLU B 228 -11.14 15.79 -1.59
CA GLU B 228 -12.20 16.72 -2.00
C GLU B 228 -12.20 17.02 -3.51
N GLY B 229 -11.02 16.98 -4.12
CA GLY B 229 -10.86 17.27 -5.54
C GLY B 229 -11.18 16.13 -6.48
N ILE B 230 -11.43 14.93 -5.95
CA ILE B 230 -11.74 13.77 -6.80
C ILE B 230 -13.17 13.86 -7.37
N TYR B 231 -13.27 13.65 -8.68
CA TYR B 231 -14.50 13.66 -9.43
C TYR B 231 -14.31 12.66 -10.57
N GLN B 232 -14.58 11.35 -10.32
CA GLN B 232 -14.40 10.27 -11.28
C GLN B 232 -14.99 10.53 -12.68
N LEU B 233 -14.13 10.47 -13.70
CA LEU B 233 -14.52 10.59 -15.11
C LEU B 233 -14.88 9.19 -15.66
N GLU B 234 -15.69 9.12 -16.74
CA GLU B 234 -16.07 7.82 -17.31
C GLU B 234 -15.63 7.67 -18.77
N LYS B 235 -15.46 6.42 -19.21
CA LYS B 235 -15.08 6.07 -20.58
C LYS B 235 -16.21 6.42 -21.56
#